data_7JOT
#
_entry.id   7JOT
#
_entity_poly.entity_id   1
_entity_poly.type   'polypeptide(L)'
_entity_poly.pdbx_seq_one_letter_code
;DGVGNASGNWHCDSTWLGDRVITTSTRTWALPTYNNHLYKQISSETAGSTNDNTYFGYSTPWGYFDFNRFHCHFSPRDWQ
RLINNNWGFRPKKLRFKLFNIQVKEVTTNDGVTTIANNLTSTIQVFSDSEYQLPYVLGSAHQGCLPPFPADVFMIPQYGY
LTLNNGSQSVGRSSFYCLEYFPSQMLRTGNNFEFSYSFEDVPFHSSYAHSQSLDRLMNPLIDQYLYYLARTQSNPGGTAG
NRELQFYQGGPSTMAEQAKNWLPGPCFRQQRVSKTLDQNNNSNFAWTGATKYHLNGRNSLVNPGVAMATHKDDEDRFFPS
SGVLIFGKTGATNKTTLENVLMTNEEEIRPTNPVATEEYGIVSSNLQAANTAAQTQVVNNQGALPGMVWQNRDVYLQGPI
WAKIPHTDGNFHPSPLMGGFGLKHPPPQILIKNTPVPANPPEVFTPAKFASFITQYSTGQVSVEIEWELQKENSKRWNPE
IQYTSNFEKQTGVDFAVDSQGVYSEPRPIGTRYLTRNL
;
_entity_poly.pdbx_strand_id   A
#
# COMPACT_ATOMS: atom_id res chain seq x y z
N ASP A 1 13.12 36.14 14.41
CA ASP A 1 12.11 36.06 13.35
C ASP A 1 12.43 37.06 12.25
N GLY A 2 13.62 36.95 11.66
CA GLY A 2 13.99 37.89 10.63
C GLY A 2 14.68 37.25 9.44
N VAL A 3 15.33 38.08 8.63
CA VAL A 3 16.03 37.58 7.45
C VAL A 3 17.28 36.78 7.85
N GLY A 4 17.88 37.08 8.99
CA GLY A 4 19.13 36.45 9.35
C GLY A 4 19.07 35.45 10.48
N ASN A 5 17.93 34.80 10.67
CA ASN A 5 17.71 33.90 11.80
C ASN A 5 17.09 32.61 11.31
N ALA A 6 17.66 31.48 11.74
CA ALA A 6 17.07 30.19 11.41
C ALA A 6 15.91 29.89 12.35
N SER A 7 14.85 29.31 11.79
CA SER A 7 13.64 29.00 12.54
C SER A 7 13.44 27.50 12.73
N GLY A 8 14.52 26.76 12.85
CA GLY A 8 14.43 25.34 13.06
C GLY A 8 15.79 24.69 12.90
N ASN A 9 15.96 23.51 13.47
CA ASN A 9 17.19 22.74 13.37
C ASN A 9 16.92 21.40 12.68
N TRP A 10 18.00 20.70 12.36
CA TRP A 10 17.92 19.39 11.74
C TRP A 10 17.69 18.35 12.83
N HIS A 11 16.77 17.43 12.60
CA HIS A 11 16.43 16.39 13.57
C HIS A 11 16.21 15.10 12.82
N CYS A 12 17.22 14.24 12.77
CA CYS A 12 17.06 12.89 12.24
C CYS A 12 17.57 11.96 13.32
N ASP A 13 16.72 11.07 13.81
CA ASP A 13 17.09 10.27 14.99
C ASP A 13 16.10 9.13 15.17
N SER A 14 16.45 8.24 16.08
CA SER A 14 15.56 7.18 16.51
C SER A 14 15.86 6.89 17.97
N THR A 15 14.82 6.59 18.74
CA THR A 15 14.95 6.42 20.19
C THR A 15 14.07 5.26 20.63
N TRP A 16 14.69 4.14 21.00
CA TRP A 16 13.96 2.98 21.49
C TRP A 16 13.87 3.06 23.01
N LEU A 17 12.64 3.00 23.54
CA LEU A 17 12.38 3.27 24.96
C LEU A 17 11.47 2.21 25.56
N GLY A 18 11.79 0.94 25.35
CA GLY A 18 11.01 -0.11 25.98
C GLY A 18 9.84 -0.61 25.14
N ASP A 19 8.66 -0.06 25.40
CA ASP A 19 7.47 -0.41 24.64
C ASP A 19 7.15 0.59 23.54
N ARG A 20 8.01 1.59 23.34
CA ARG A 20 7.80 2.62 22.34
C ARG A 20 9.07 2.81 21.53
N VAL A 21 8.89 3.27 20.30
CA VAL A 21 9.99 3.79 19.49
C VAL A 21 9.52 5.11 18.90
N ILE A 22 10.40 6.10 18.88
CA ILE A 22 10.12 7.40 18.29
C ILE A 22 11.09 7.61 17.14
N THR A 23 10.54 7.97 15.98
CA THR A 23 11.34 8.29 14.81
C THR A 23 11.18 9.76 14.46
N THR A 24 12.22 10.34 13.86
CA THR A 24 12.18 11.72 13.40
C THR A 24 12.94 11.82 12.09
N SER A 25 12.46 12.68 11.19
CA SER A 25 12.98 12.81 9.84
C SER A 25 12.99 14.26 9.42
N THR A 26 13.97 14.62 8.59
CA THR A 26 14.09 15.96 8.04
C THR A 26 14.62 15.85 6.62
N ARG A 27 14.03 16.60 5.68
CA ARG A 27 14.42 16.58 4.28
C ARG A 27 14.35 18.00 3.73
N THR A 28 14.85 18.17 2.50
CA THR A 28 14.84 19.45 1.82
C THR A 28 13.94 19.38 0.58
N TRP A 29 13.04 20.35 0.43
CA TRP A 29 12.05 20.33 -0.63
C TRP A 29 12.20 21.55 -1.53
N ALA A 30 11.52 21.48 -2.68
CA ALA A 30 11.45 22.55 -3.66
C ALA A 30 10.05 22.58 -4.27
N LEU A 31 9.49 23.77 -4.44
CA LEU A 31 8.12 23.92 -4.91
C LEU A 31 8.04 24.86 -6.09
N PRO A 32 7.70 24.37 -7.28
CA PRO A 32 7.53 25.25 -8.44
C PRO A 32 6.15 25.88 -8.43
N THR A 33 5.91 26.72 -9.44
CA THR A 33 4.58 27.24 -9.70
C THR A 33 3.88 26.31 -10.68
N TYR A 34 2.67 25.89 -10.32
CA TYR A 34 1.93 24.91 -11.08
C TYR A 34 0.77 25.57 -11.82
N ASN A 35 0.58 25.17 -13.08
CA ASN A 35 -0.56 25.56 -13.92
C ASN A 35 -0.61 27.04 -14.27
N ASN A 36 0.41 27.82 -13.92
CA ASN A 36 0.38 29.27 -14.05
C ASN A 36 -0.72 29.89 -13.19
N HIS A 37 -0.80 29.44 -11.94
CA HIS A 37 -1.78 29.94 -10.97
C HIS A 37 -3.22 29.73 -11.41
N LEU A 38 -3.50 28.69 -12.19
CA LEU A 38 -4.82 28.48 -12.74
C LEU A 38 -5.38 27.13 -12.31
N TYR A 39 -6.71 27.08 -12.18
CA TYR A 39 -7.44 25.82 -12.11
C TYR A 39 -7.90 25.44 -13.51
N LYS A 40 -7.72 24.17 -13.86
CA LYS A 40 -8.07 23.70 -15.20
C LYS A 40 -8.85 22.39 -15.15
N GLN A 41 -9.88 22.32 -15.99
CA GLN A 41 -10.67 21.11 -16.15
C GLN A 41 -9.94 20.11 -17.04
N ILE A 42 -9.88 18.85 -16.62
CA ILE A 42 -9.22 17.80 -17.38
C ILE A 42 -10.24 16.73 -17.72
N SER A 43 -10.00 16.05 -18.85
CA SER A 43 -10.91 14.98 -19.32
C SER A 43 -10.13 13.89 -20.06
N SER A 44 -10.80 12.79 -20.40
CA SER A 44 -10.16 11.64 -21.11
C SER A 44 -10.25 11.85 -22.62
N GLU A 45 -10.91 12.93 -23.06
CA GLU A 45 -11.06 13.23 -24.51
C GLU A 45 -9.68 13.43 -25.13
N THR A 46 -8.79 14.14 -24.43
CA THR A 46 -7.42 14.40 -24.92
C THR A 46 -6.68 13.06 -25.07
N ALA A 47 -6.88 12.16 -24.10
CA ALA A 47 -6.22 10.83 -24.11
C ALA A 47 -6.68 10.04 -25.34
N GLY A 48 -7.96 10.11 -25.68
CA GLY A 48 -8.62 9.11 -26.53
C GLY A 48 -8.55 7.72 -25.91
N SER A 49 -8.75 7.64 -24.60
CA SER A 49 -8.72 6.37 -23.83
C SER A 49 -10.00 5.57 -24.05
N THR A 50 -10.04 4.32 -23.59
CA THR A 50 -11.22 3.43 -23.73
C THR A 50 -12.31 3.75 -22.70
N ASN A 51 -13.45 3.07 -22.78
CA ASN A 51 -14.61 3.34 -21.89
C ASN A 51 -14.19 3.10 -20.42
N ASP A 52 -13.42 2.04 -20.17
CA ASP A 52 -12.93 1.73 -18.81
C ASP A 52 -12.02 2.86 -18.30
N ASN A 53 -11.22 3.44 -19.20
CA ASN A 53 -10.24 4.51 -18.85
C ASN A 53 -10.90 5.90 -18.90
N THR A 54 -12.19 5.98 -19.27
CA THR A 54 -12.86 7.31 -19.36
C THR A 54 -12.85 7.97 -17.97
N TYR A 55 -12.52 9.26 -17.90
CA TYR A 55 -12.48 10.00 -16.61
C TYR A 55 -12.83 11.48 -16.85
N PHE A 56 -13.25 12.16 -15.77
CA PHE A 56 -13.60 13.60 -15.82
C PHE A 56 -13.22 14.22 -14.47
N GLY A 57 -12.39 15.27 -14.47
CA GLY A 57 -11.95 15.87 -13.22
C GLY A 57 -11.35 17.26 -13.36
N TYR A 58 -10.54 17.65 -12.37
CA TYR A 58 -9.93 18.99 -12.30
C TYR A 58 -8.48 18.89 -11.83
N SER A 59 -7.68 19.89 -12.19
CA SER A 59 -6.32 20.03 -11.67
C SER A 59 -6.14 21.42 -11.08
N THR A 60 -5.31 21.52 -10.04
CA THR A 60 -5.17 22.74 -9.26
C THR A 60 -3.74 23.25 -9.27
N PRO A 61 -3.47 24.46 -8.79
CA PRO A 61 -2.09 24.93 -8.67
C PRO A 61 -1.39 24.64 -7.34
N TRP A 62 -2.04 23.95 -6.40
CA TRP A 62 -1.45 23.63 -5.12
C TRP A 62 -0.64 22.34 -5.20
N GLY A 63 0.37 22.23 -4.33
CA GLY A 63 1.07 20.99 -4.07
C GLY A 63 0.65 20.39 -2.75
N TYR A 64 1.23 19.23 -2.42
CA TYR A 64 0.89 18.58 -1.17
C TYR A 64 2.02 17.68 -0.71
N PHE A 65 2.12 17.51 0.60
CA PHE A 65 3.18 16.71 1.23
C PHE A 65 2.71 15.27 1.44
N ASP A 66 3.62 14.32 1.21
CA ASP A 66 3.31 12.90 1.24
C ASP A 66 4.43 12.15 1.93
N PHE A 67 4.10 11.42 3.00
CA PHE A 67 5.08 10.62 3.73
C PHE A 67 4.46 9.30 4.16
N ASN A 68 3.62 8.72 3.32
CA ASN A 68 2.88 7.49 3.60
C ASN A 68 3.66 6.27 3.10
N ARG A 69 4.91 6.16 3.53
CA ARG A 69 5.77 5.04 3.19
C ARG A 69 6.69 4.80 4.37
N PHE A 70 7.01 3.53 4.63
CA PHE A 70 7.75 3.21 5.84
C PHE A 70 9.19 3.70 5.79
N HIS A 71 9.79 3.77 4.61
CA HIS A 71 11.18 4.20 4.56
C HIS A 71 11.33 5.71 4.69
N CYS A 72 10.23 6.46 4.68
CA CYS A 72 10.31 7.87 5.03
C CYS A 72 10.64 8.05 6.50
N HIS A 73 10.45 7.01 7.31
CA HIS A 73 10.63 7.09 8.76
C HIS A 73 11.63 6.10 9.31
N PHE A 74 11.79 4.93 8.71
CA PHE A 74 12.68 3.90 9.24
C PHE A 74 13.88 3.72 8.32
N SER A 75 15.05 3.65 8.93
CA SER A 75 16.26 3.22 8.22
C SER A 75 16.36 1.70 8.26
N PRO A 76 17.10 1.09 7.32
CA PRO A 76 17.09 -0.38 7.25
C PRO A 76 17.55 -1.08 8.51
N ARG A 77 18.51 -0.50 9.24
CA ARG A 77 18.92 -1.07 10.52
C ARG A 77 17.80 -1.03 11.54
N ASP A 78 17.01 0.06 11.55
CA ASP A 78 15.89 0.16 12.47
C ASP A 78 14.79 -0.82 12.11
N TRP A 79 14.51 -0.96 10.82
CA TRP A 79 13.55 -1.95 10.36
C TRP A 79 13.98 -3.35 10.76
N GLN A 80 15.27 -3.62 10.73
CA GLN A 80 15.77 -4.92 11.17
C GLN A 80 15.53 -5.14 12.66
N ARG A 81 15.88 -4.15 13.48
CA ARG A 81 15.57 -4.24 14.91
C ARG A 81 14.10 -4.57 15.15
N LEU A 82 13.21 -3.80 14.54
CA LEU A 82 11.77 -3.95 14.73
C LEU A 82 11.29 -5.34 14.32
N ILE A 83 11.64 -5.79 13.12
CA ILE A 83 11.07 -7.05 12.64
C ILE A 83 11.73 -8.27 13.25
N ASN A 84 12.95 -8.16 13.77
CA ASN A 84 13.56 -9.31 14.41
C ASN A 84 13.18 -9.47 15.88
N ASN A 85 12.69 -8.42 16.55
CA ASN A 85 12.44 -8.58 17.98
C ASN A 85 11.01 -8.36 18.45
N ASN A 86 10.03 -8.25 17.57
CA ASN A 86 8.70 -7.83 17.99
C ASN A 86 7.62 -8.63 17.30
N TRP A 87 6.49 -8.76 17.98
CA TRP A 87 5.32 -9.46 17.46
C TRP A 87 4.31 -8.53 16.81
N GLY A 88 4.36 -7.24 17.08
CA GLY A 88 3.41 -6.31 16.51
C GLY A 88 3.74 -4.88 16.88
N PHE A 89 3.14 -3.96 16.15
CA PHE A 89 3.35 -2.53 16.36
C PHE A 89 2.20 -1.76 15.74
N ARG A 90 2.10 -0.47 16.09
CA ARG A 90 1.10 0.44 15.55
C ARG A 90 1.41 1.90 15.89
N PRO A 91 0.92 2.87 15.11
CA PRO A 91 1.26 4.27 15.36
C PRO A 91 0.42 4.91 16.45
N LYS A 92 1.02 5.89 17.13
CA LYS A 92 0.38 6.57 18.25
C LYS A 92 0.18 8.06 18.01
N LYS A 93 1.23 8.82 17.71
CA LYS A 93 1.17 10.27 17.64
C LYS A 93 2.01 10.78 16.49
N LEU A 94 1.68 11.98 16.01
CA LEU A 94 2.35 12.60 14.89
C LEU A 94 2.61 14.07 15.17
N ARG A 95 3.72 14.58 14.65
CA ARG A 95 4.08 16.00 14.73
C ARG A 95 4.75 16.42 13.43
N PHE A 96 4.44 17.64 12.97
CA PHE A 96 4.82 18.11 11.64
C PHE A 96 5.32 19.55 11.72
N LYS A 97 6.40 19.88 11.00
CA LYS A 97 6.92 21.24 10.96
C LYS A 97 7.47 21.61 9.58
N LEU A 98 7.37 22.90 9.27
CA LEU A 98 7.92 23.49 8.04
C LEU A 98 8.70 24.73 8.44
N PHE A 99 9.96 24.81 8.05
CA PHE A 99 10.79 25.92 8.52
C PHE A 99 11.85 26.26 7.49
N ASN A 100 12.51 27.39 7.72
CA ASN A 100 13.60 27.92 6.89
C ASN A 100 13.15 28.15 5.45
N ILE A 101 12.13 28.99 5.31
CA ILE A 101 11.48 29.24 4.03
C ILE A 101 12.32 30.21 3.20
N GLN A 102 12.45 29.93 1.91
CA GLN A 102 13.18 30.79 0.97
C GLN A 102 12.39 30.91 -0.32
N VAL A 103 12.28 32.13 -0.84
CA VAL A 103 11.53 32.39 -2.06
C VAL A 103 12.43 33.12 -3.05
N LYS A 104 12.40 32.68 -4.31
CA LYS A 104 13.31 33.19 -5.33
C LYS A 104 12.53 33.58 -6.58
N GLU A 105 13.06 34.56 -7.30
CA GLU A 105 12.52 34.98 -8.59
C GLU A 105 13.51 34.64 -9.69
N VAL A 106 12.98 34.29 -10.86
CA VAL A 106 13.78 33.79 -11.97
C VAL A 106 13.56 34.71 -13.17
N THR A 107 14.65 35.17 -13.77
CA THR A 107 14.60 35.99 -14.97
C THR A 107 15.39 35.28 -16.05
N THR A 108 14.75 35.06 -17.20
CA THR A 108 15.40 34.47 -18.36
C THR A 108 15.48 35.51 -19.47
N ASN A 109 16.62 35.55 -20.16
CA ASN A 109 16.88 36.60 -21.13
C ASN A 109 18.14 36.26 -21.92
N ASP A 110 18.10 36.47 -23.24
CA ASP A 110 19.25 36.23 -24.11
C ASP A 110 19.75 34.79 -24.00
N GLY A 111 18.89 33.89 -23.54
CA GLY A 111 19.31 32.55 -23.20
C GLY A 111 20.08 32.45 -21.90
N VAL A 112 20.20 33.55 -21.15
CA VAL A 112 20.87 33.58 -19.86
C VAL A 112 19.80 33.67 -18.78
N THR A 113 19.82 32.73 -17.84
CA THR A 113 18.89 32.70 -16.73
C THR A 113 19.58 33.16 -15.45
N THR A 114 18.95 34.08 -14.73
CA THR A 114 19.44 34.56 -13.45
C THR A 114 18.44 34.23 -12.37
N ILE A 115 18.93 34.13 -11.13
CA ILE A 115 18.11 33.78 -9.97
C ILE A 115 18.46 34.71 -8.83
N ALA A 116 17.45 35.36 -8.26
CA ALA A 116 17.65 36.28 -7.16
C ALA A 116 16.67 35.96 -6.03
N ASN A 117 16.99 36.47 -4.84
CA ASN A 117 16.18 36.30 -3.65
C ASN A 117 15.03 37.29 -3.67
N ASN A 118 13.85 36.84 -3.26
CA ASN A 118 12.70 37.71 -3.05
C ASN A 118 12.33 37.68 -1.58
N LEU A 119 12.68 38.74 -0.85
CA LEU A 119 12.56 38.75 0.59
C LEU A 119 11.15 39.06 1.09
N THR A 120 10.25 39.52 0.23
CA THR A 120 8.94 39.94 0.67
C THR A 120 7.80 39.09 0.11
N SER A 121 8.10 37.95 -0.49
CA SER A 121 7.07 37.04 -0.98
C SER A 121 6.69 36.02 0.10
N THR A 122 5.47 35.51 -0.01
CA THR A 122 4.90 34.57 0.94
C THR A 122 4.66 33.22 0.29
N ILE A 123 4.27 32.24 1.12
CA ILE A 123 3.68 30.98 0.69
C ILE A 123 2.44 30.75 1.54
N GLN A 124 1.60 29.83 1.09
CA GLN A 124 0.32 29.54 1.73
C GLN A 124 0.24 28.07 2.09
N VAL A 125 0.02 27.79 3.37
CA VAL A 125 -0.06 26.42 3.87
C VAL A 125 -1.33 26.26 4.70
N PHE A 126 -1.95 25.10 4.59
CA PHE A 126 -3.03 24.76 5.52
C PHE A 126 -3.19 23.25 5.60
N SER A 127 -3.83 22.81 6.67
CA SER A 127 -4.18 21.41 6.89
C SER A 127 -5.68 21.23 6.72
N ASP A 128 -6.07 20.14 6.07
CA ASP A 128 -7.49 19.85 5.90
C ASP A 128 -7.95 18.92 7.01
N SER A 129 -8.01 19.48 8.20
CA SER A 129 -8.21 18.69 9.41
C SER A 129 -9.66 18.33 9.66
N GLU A 130 -10.57 18.67 8.76
CA GLU A 130 -11.96 18.26 8.84
C GLU A 130 -12.38 17.33 7.72
N TYR A 131 -11.46 17.00 6.80
CA TYR A 131 -11.69 16.00 5.76
C TYR A 131 -12.80 16.43 4.80
N GLN A 132 -12.70 17.65 4.30
CA GLN A 132 -13.67 18.17 3.35
C GLN A 132 -13.21 18.10 1.90
N LEU A 133 -11.94 18.00 1.66
CA LEU A 133 -11.44 17.83 0.31
C LEU A 133 -11.27 16.35 -0.02
N PRO A 134 -11.33 16.02 -1.30
CA PRO A 134 -11.03 14.63 -1.72
C PRO A 134 -9.67 14.18 -1.22
N TYR A 135 -9.63 13.00 -0.61
CA TYR A 135 -8.42 12.45 -0.01
C TYR A 135 -7.64 11.69 -1.07
N VAL A 136 -6.62 12.33 -1.62
CA VAL A 136 -5.89 11.79 -2.76
C VAL A 136 -4.75 10.88 -2.34
N LEU A 137 -4.31 10.95 -1.09
CA LEU A 137 -3.29 10.06 -0.56
C LEU A 137 -3.83 8.62 -0.54
N GLY A 138 -2.97 7.69 -0.19
CA GLY A 138 -3.39 6.31 -0.09
C GLY A 138 -3.69 5.63 -1.40
N SER A 139 -3.04 6.05 -2.49
CA SER A 139 -3.16 5.37 -3.78
C SER A 139 -1.79 5.01 -4.36
N ALA A 140 -0.74 5.01 -3.54
CA ALA A 140 0.61 4.57 -3.93
C ALA A 140 1.20 5.42 -5.05
N HIS A 141 1.13 6.74 -4.88
CA HIS A 141 1.65 7.69 -5.86
C HIS A 141 3.09 8.07 -5.54
N GLN A 142 3.83 8.43 -6.58
CA GLN A 142 5.18 8.94 -6.39
C GLN A 142 5.13 10.38 -5.87
N GLY A 143 6.25 10.81 -5.30
CA GLY A 143 6.31 12.14 -4.73
C GLY A 143 6.44 12.15 -3.24
N CYS A 144 7.05 11.12 -2.68
CA CYS A 144 7.23 11.00 -1.24
C CYS A 144 8.53 11.66 -0.79
N LEU A 145 8.69 11.76 0.52
CA LEU A 145 9.98 12.08 1.07
C LEU A 145 10.97 10.96 0.72
N PRO A 146 12.17 11.30 0.26
CA PRO A 146 13.06 10.26 -0.27
C PRO A 146 13.55 9.35 0.85
N PRO A 147 13.90 8.09 0.53
CA PRO A 147 14.39 7.20 1.59
C PRO A 147 15.73 7.62 2.15
N PHE A 148 16.62 8.14 1.34
CA PHE A 148 17.93 8.56 1.81
C PHE A 148 17.86 10.00 2.30
N PRO A 149 18.34 10.29 3.52
CA PRO A 149 18.13 11.63 4.09
C PRO A 149 18.83 12.76 3.37
N ALA A 150 19.84 12.48 2.55
CA ALA A 150 20.58 13.55 1.88
C ALA A 150 20.00 13.92 0.54
N ASP A 151 18.78 13.47 0.21
CA ASP A 151 18.20 13.68 -1.10
C ASP A 151 17.19 14.82 -1.06
N VAL A 152 17.18 15.62 -2.14
CA VAL A 152 16.25 16.73 -2.31
C VAL A 152 15.11 16.27 -3.20
N PHE A 153 13.89 16.64 -2.84
CA PHE A 153 12.73 16.15 -3.58
C PHE A 153 11.84 17.30 -4.01
N MET A 154 11.07 17.04 -5.08
CA MET A 154 10.13 17.99 -5.64
C MET A 154 8.72 17.62 -5.21
N ILE A 155 7.93 18.63 -4.85
CA ILE A 155 6.58 18.45 -4.32
C ILE A 155 5.60 18.19 -5.45
N PRO A 156 4.69 17.21 -5.33
CA PRO A 156 3.79 16.86 -6.43
C PRO A 156 2.58 17.79 -6.52
N GLN A 157 2.00 17.83 -7.70
CA GLN A 157 0.83 18.66 -7.97
C GLN A 157 -0.45 17.94 -7.57
N TYR A 158 -1.41 18.71 -7.07
CA TYR A 158 -2.64 18.17 -6.53
C TYR A 158 -3.78 18.28 -7.55
N GLY A 159 -4.56 17.21 -7.67
CA GLY A 159 -5.76 17.20 -8.48
C GLY A 159 -6.66 16.08 -8.00
N TYR A 160 -7.85 16.00 -8.59
CA TYR A 160 -8.84 15.01 -8.18
C TYR A 160 -9.81 14.77 -9.34
N LEU A 161 -10.59 13.71 -9.22
CA LEU A 161 -11.62 13.34 -10.19
C LEU A 161 -12.99 13.31 -9.54
N THR A 162 -14.03 13.50 -10.33
CA THR A 162 -15.41 13.46 -9.86
C THR A 162 -16.23 12.65 -10.86
N LEU A 163 -17.56 12.63 -10.67
CA LEU A 163 -18.42 11.74 -11.45
C LEU A 163 -18.46 12.14 -12.92
N ASN A 164 -18.45 11.14 -13.79
CA ASN A 164 -18.45 11.37 -15.22
C ASN A 164 -19.37 10.39 -15.94
N ASN A 165 -19.82 10.80 -17.12
CA ASN A 165 -20.57 9.95 -18.04
C ASN A 165 -19.84 10.01 -19.38
N GLY A 166 -18.84 9.15 -19.56
CA GLY A 166 -18.00 9.24 -20.73
C GLY A 166 -16.89 10.24 -20.50
N SER A 167 -16.82 11.28 -21.31
CA SER A 167 -15.97 12.43 -21.01
C SER A 167 -16.78 13.62 -20.55
N GLN A 168 -18.05 13.42 -20.23
CA GLN A 168 -18.93 14.48 -19.76
C GLN A 168 -18.96 14.52 -18.24
N SER A 169 -19.58 15.57 -17.72
CA SER A 169 -19.90 15.66 -16.31
C SER A 169 -21.41 15.48 -16.12
N VAL A 170 -21.80 15.24 -14.88
CA VAL A 170 -23.21 15.08 -14.54
C VAL A 170 -23.58 16.12 -13.50
N GLY A 171 -24.86 16.19 -13.15
CA GLY A 171 -25.33 17.19 -12.20
C GLY A 171 -24.82 17.01 -10.79
N ARG A 172 -24.16 15.90 -10.49
CA ARG A 172 -23.63 15.63 -9.16
C ARG A 172 -22.12 15.81 -9.09
N SER A 173 -21.49 16.33 -10.13
CA SER A 173 -20.05 16.58 -10.08
C SER A 173 -19.76 17.80 -9.25
N SER A 174 -18.73 17.71 -8.42
CA SER A 174 -18.36 18.75 -7.47
C SER A 174 -17.06 19.42 -7.90
N PHE A 175 -17.09 20.75 -7.89
CA PHE A 175 -15.89 21.56 -8.08
C PHE A 175 -15.46 22.12 -6.73
N TYR A 176 -14.16 22.20 -6.52
CA TYR A 176 -13.59 22.67 -5.27
C TYR A 176 -12.54 23.75 -5.50
N CYS A 177 -12.71 24.88 -4.81
CA CYS A 177 -11.73 25.96 -4.79
C CYS A 177 -10.97 25.87 -3.47
N LEU A 178 -9.65 25.74 -3.53
CA LEU A 178 -8.86 25.61 -2.32
C LEU A 178 -8.57 26.95 -1.68
N GLU A 179 -8.68 28.05 -2.42
CA GLU A 179 -8.54 29.37 -1.82
C GLU A 179 -9.71 29.70 -0.92
N TYR A 180 -10.77 28.89 -0.97
CA TYR A 180 -11.93 29.05 -0.13
C TYR A 180 -11.73 28.46 1.26
N PHE A 181 -10.51 28.20 1.67
CA PHE A 181 -10.14 27.75 3.00
C PHE A 181 -9.29 28.80 3.70
N PRO A 182 -9.23 28.77 5.01
CA PRO A 182 -8.28 29.63 5.72
C PRO A 182 -6.86 29.07 5.74
N SER A 183 -5.90 29.82 5.23
CA SER A 183 -4.51 29.40 5.20
C SER A 183 -3.66 30.37 6.01
N GLN A 184 -2.43 29.96 6.25
CA GLN A 184 -1.46 30.76 6.98
C GLN A 184 -0.35 31.16 6.03
N MET A 185 -0.04 32.44 5.99
CA MET A 185 0.94 33.00 5.08
C MET A 185 2.29 33.13 5.78
N LEU A 186 3.35 32.73 5.09
CA LEU A 186 4.69 32.67 5.65
C LEU A 186 5.65 33.44 4.77
N ARG A 187 6.27 34.47 5.31
CA ARG A 187 7.48 34.98 4.70
C ARG A 187 8.68 34.20 5.22
N THR A 188 9.86 34.57 4.77
CA THR A 188 11.08 34.01 5.32
C THR A 188 11.21 34.49 6.77
N GLY A 189 11.55 33.59 7.66
CA GLY A 189 11.51 33.91 9.07
C GLY A 189 10.29 33.42 9.82
N ASN A 190 9.28 32.91 9.13
CA ASN A 190 8.11 32.29 9.75
C ASN A 190 8.19 30.78 9.62
N ASN A 191 7.46 30.07 10.49
CA ASN A 191 7.39 28.62 10.42
C ASN A 191 5.98 28.15 10.72
N PHE A 192 5.77 26.84 10.57
CA PHE A 192 4.45 26.22 10.63
C PHE A 192 4.55 24.91 11.40
N GLU A 193 3.43 24.50 12.02
CA GLU A 193 3.45 23.38 12.93
C GLU A 193 2.04 22.85 13.16
N PHE A 194 1.92 21.55 13.41
CA PHE A 194 0.67 20.97 13.88
C PHE A 194 0.92 19.54 14.37
N SER A 195 -0.02 19.04 15.17
CA SER A 195 0.07 17.69 15.72
C SER A 195 -1.26 16.96 15.58
N TYR A 196 -1.20 15.64 15.70
CA TYR A 196 -2.32 14.76 15.40
C TYR A 196 -2.20 13.52 16.28
N SER A 197 -3.34 12.93 16.59
CA SER A 197 -3.39 11.69 17.37
C SER A 197 -4.04 10.60 16.54
N PHE A 198 -3.40 9.44 16.50
CA PHE A 198 -3.98 8.28 15.82
C PHE A 198 -5.07 7.67 16.68
N GLU A 199 -6.20 7.36 16.05
CA GLU A 199 -7.26 6.64 16.72
C GLU A 199 -6.80 5.24 17.09
N ASP A 200 -7.59 4.55 17.89
CA ASP A 200 -7.21 3.22 18.32
C ASP A 200 -7.36 2.22 17.19
N VAL A 201 -6.34 1.40 17.00
CA VAL A 201 -6.20 0.52 15.84
C VAL A 201 -5.53 -0.77 16.30
N PRO A 202 -5.77 -1.87 15.60
CA PRO A 202 -5.11 -3.13 15.99
C PRO A 202 -3.64 -3.14 15.62
N PHE A 203 -2.86 -3.88 16.41
CA PHE A 203 -1.45 -4.11 16.09
C PHE A 203 -1.33 -4.85 14.75
N HIS A 204 -0.33 -4.49 13.97
CA HIS A 204 0.01 -5.31 12.80
C HIS A 204 0.64 -6.62 13.26
N SER A 205 0.29 -7.70 12.57
CA SER A 205 0.81 -9.02 12.91
C SER A 205 2.17 -9.22 12.27
N SER A 206 3.21 -9.18 13.07
CA SER A 206 4.60 -9.27 12.61
C SER A 206 5.16 -10.66 12.83
N TYR A 207 4.34 -11.69 12.67
CA TYR A 207 4.71 -13.06 12.98
C TYR A 207 4.15 -13.98 11.91
N ALA A 208 4.69 -15.19 11.85
CA ALA A 208 4.16 -16.25 11.01
C ALA A 208 3.70 -17.40 11.90
N HIS A 209 2.60 -18.04 11.51
CA HIS A 209 2.07 -19.15 12.29
C HIS A 209 2.93 -20.39 12.10
N SER A 210 3.11 -21.15 13.18
CA SER A 210 3.92 -22.35 13.17
C SER A 210 3.11 -23.63 13.27
N GLN A 211 1.79 -23.53 13.19
CA GLN A 211 0.91 -24.67 12.98
C GLN A 211 0.02 -24.34 11.78
N SER A 212 -0.60 -25.37 11.22
CA SER A 212 -1.54 -25.19 10.12
C SER A 212 -2.95 -25.53 10.59
N LEU A 213 -3.94 -25.02 9.86
CA LEU A 213 -5.32 -25.05 10.35
C LEU A 213 -5.91 -26.45 10.30
N ASP A 214 -5.47 -27.30 9.38
CA ASP A 214 -5.95 -28.66 9.30
C ASP A 214 -5.10 -29.64 10.10
N ARG A 215 -4.21 -29.15 10.96
CA ARG A 215 -3.34 -30.00 11.77
C ARG A 215 -3.30 -29.51 13.20
N LEU A 216 -4.46 -29.29 13.82
CA LEU A 216 -4.53 -28.81 15.19
C LEU A 216 -4.93 -29.89 16.18
N MET A 217 -4.75 -31.16 15.84
CA MET A 217 -5.16 -32.25 16.72
C MET A 217 -3.97 -32.84 17.45
N ASN A 218 -4.28 -33.77 18.37
CA ASN A 218 -3.26 -34.57 19.04
C ASN A 218 -2.98 -35.80 18.20
N PRO A 219 -1.75 -36.03 17.78
CA PRO A 219 -1.45 -37.13 16.86
C PRO A 219 -1.28 -38.50 17.52
N LEU A 220 -1.68 -38.68 18.78
CA LEU A 220 -1.55 -39.97 19.43
C LEU A 220 -2.87 -40.60 19.84
N ILE A 221 -3.93 -39.81 20.01
CA ILE A 221 -5.20 -40.30 20.51
C ILE A 221 -6.21 -40.32 19.38
N ASP A 222 -7.30 -41.03 19.59
CA ASP A 222 -8.39 -41.12 18.64
C ASP A 222 -9.55 -40.23 19.06
N GLN A 223 -10.49 -40.06 18.16
CA GLN A 223 -11.68 -39.25 18.41
C GLN A 223 -12.84 -40.11 18.85
N TYR A 224 -13.83 -39.47 19.47
CA TYR A 224 -15.06 -40.14 19.85
C TYR A 224 -16.18 -39.91 18.85
N LEU A 225 -15.86 -39.49 17.63
CA LEU A 225 -16.84 -39.21 16.60
C LEU A 225 -16.55 -40.03 15.35
N TYR A 226 -17.58 -40.54 14.71
CA TYR A 226 -17.46 -41.37 13.53
C TYR A 226 -17.77 -40.58 12.27
N TYR A 227 -17.24 -41.07 11.15
CA TYR A 227 -17.54 -40.51 9.85
C TYR A 227 -17.81 -41.64 8.89
N LEU A 228 -18.53 -41.33 7.82
CA LEU A 228 -18.89 -42.33 6.81
C LEU A 228 -17.67 -42.66 5.96
N ALA A 229 -17.26 -43.92 5.98
CA ALA A 229 -16.05 -44.36 5.31
C ALA A 229 -16.31 -44.98 3.94
N ARG A 230 -17.17 -45.99 3.89
CA ARG A 230 -17.47 -46.70 2.66
C ARG A 230 -18.97 -46.69 2.39
N THR A 231 -19.32 -46.85 1.12
CA THR A 231 -20.71 -47.01 0.69
C THR A 231 -20.94 -48.32 -0.04
N GLN A 232 -19.93 -48.83 -0.73
CA GLN A 232 -20.06 -50.09 -1.48
C GLN A 232 -18.98 -51.04 -0.97
N SER A 233 -19.34 -51.88 -0.02
CA SER A 233 -18.35 -52.73 0.63
C SER A 233 -17.81 -53.76 -0.35
N ASN A 234 -16.57 -53.54 -0.79
CA ASN A 234 -15.92 -54.40 -1.77
C ASN A 234 -15.09 -55.45 -1.05
N PRO A 235 -15.52 -56.72 -1.05
CA PRO A 235 -14.71 -57.75 -0.40
C PRO A 235 -13.45 -58.11 -1.18
N GLY A 236 -13.23 -57.47 -2.33
CA GLY A 236 -12.03 -57.73 -3.11
C GLY A 236 -12.28 -57.74 -4.61
N GLY A 237 -13.50 -58.02 -5.02
CA GLY A 237 -13.82 -58.12 -6.43
C GLY A 237 -14.87 -57.13 -6.87
N THR A 238 -15.68 -57.50 -7.86
CA THR A 238 -16.77 -56.65 -8.34
C THR A 238 -18.10 -57.02 -7.70
N ALA A 239 -18.08 -57.97 -6.77
CA ALA A 239 -19.28 -58.43 -6.07
C ALA A 239 -19.62 -57.57 -4.86
N GLY A 240 -19.05 -56.37 -4.78
CA GLY A 240 -19.35 -55.47 -3.67
C GLY A 240 -20.76 -54.92 -3.75
N ASN A 241 -21.56 -55.17 -2.73
CA ASN A 241 -22.92 -54.67 -2.63
C ASN A 241 -23.01 -53.59 -1.55
N ARG A 242 -24.19 -52.97 -1.47
CA ARG A 242 -24.36 -51.77 -0.66
C ARG A 242 -24.17 -52.07 0.83
N GLU A 243 -23.50 -51.15 1.53
CA GLU A 243 -23.26 -51.27 2.96
C GLU A 243 -22.73 -49.94 3.47
N LEU A 244 -23.17 -49.54 4.66
CA LEU A 244 -22.72 -48.30 5.29
C LEU A 244 -21.76 -48.64 6.41
N GLN A 245 -20.54 -48.12 6.32
CA GLN A 245 -19.51 -48.40 7.31
C GLN A 245 -18.93 -47.09 7.83
N PHE A 246 -18.84 -46.97 9.15
CA PHE A 246 -18.38 -45.75 9.79
C PHE A 246 -17.09 -46.04 10.55
N TYR A 247 -16.13 -45.12 10.45
CA TYR A 247 -14.81 -45.29 11.11
C TYR A 247 -14.69 -44.39 12.35
N GLN A 248 -13.52 -44.45 12.99
CA GLN A 248 -13.21 -43.66 14.21
C GLN A 248 -11.95 -42.83 13.93
N GLY A 249 -11.90 -41.60 14.44
CA GLY A 249 -10.74 -40.70 14.24
C GLY A 249 -9.42 -41.41 14.52
N GLY A 250 -8.52 -41.42 13.54
CA GLY A 250 -7.21 -42.07 13.69
C GLY A 250 -6.07 -41.14 13.28
N PRO A 251 -4.83 -41.36 13.76
CA PRO A 251 -3.70 -40.48 13.42
C PRO A 251 -3.41 -40.46 11.92
N SER A 252 -3.47 -41.61 11.26
CA SER A 252 -3.19 -41.69 9.80
C SER A 252 -4.22 -40.85 9.02
N THR A 253 -5.50 -40.96 9.38
CA THR A 253 -6.58 -40.19 8.70
C THR A 253 -6.74 -38.83 9.36
N MET A 254 -5.75 -37.94 9.22
CA MET A 254 -5.84 -36.58 9.81
C MET A 254 -6.98 -35.80 9.16
N ALA A 255 -7.09 -35.90 7.82
CA ALA A 255 -8.14 -35.18 7.05
C ALA A 255 -9.53 -35.68 7.45
N GLU A 256 -9.68 -37.00 7.61
CA GLU A 256 -11.00 -37.60 7.95
C GLU A 256 -11.28 -37.45 9.45
N GLN A 257 -11.36 -36.21 9.94
CA GLN A 257 -11.63 -35.96 11.38
C GLN A 257 -12.43 -34.66 11.52
N ALA A 258 -13.39 -34.62 12.46
CA ALA A 258 -14.21 -33.41 12.70
C ALA A 258 -13.31 -32.24 13.10
N LYS A 259 -13.55 -31.30 12.55
CA LYS A 259 -12.77 -30.08 12.87
C LYS A 259 -13.71 -29.02 13.46
N ASN A 260 -12.82 -27.72 13.93
CA ASN A 260 -13.71 -26.57 14.21
C ASN A 260 -13.46 -25.37 13.29
N TRP A 261 -12.47 -25.28 12.38
CA TRP A 261 -12.24 -23.92 11.74
C TRP A 261 -11.91 -23.83 10.22
N LEU A 262 -12.73 -23.13 9.38
CA LEU A 262 -12.39 -23.03 7.96
C LEU A 262 -11.41 -21.98 7.48
N PRO A 263 -10.79 -22.19 6.32
CA PRO A 263 -9.92 -21.16 5.72
C PRO A 263 -10.72 -19.96 5.24
N GLY A 264 -10.00 -18.91 4.85
CA GLY A 264 -10.59 -17.65 4.48
C GLY A 264 -11.16 -17.66 3.08
N PRO A 265 -11.70 -16.51 2.67
CA PRO A 265 -12.32 -16.40 1.35
C PRO A 265 -11.31 -16.37 0.21
N CYS A 266 -11.82 -16.51 -1.01
CA CYS A 266 -10.97 -16.61 -2.19
C CYS A 266 -11.61 -15.91 -3.38
N PHE A 267 -10.77 -15.47 -4.33
CA PHE A 267 -11.19 -14.89 -5.60
C PHE A 267 -10.27 -15.33 -6.74
N ARG A 268 -10.13 -16.65 -6.94
CA ARG A 268 -9.08 -17.29 -7.74
C ARG A 268 -8.58 -16.65 -9.03
N GLN A 269 -7.28 -16.43 -9.13
CA GLN A 269 -6.62 -15.71 -10.21
C GLN A 269 -5.82 -16.66 -11.10
N GLN A 270 -5.31 -16.11 -12.19
CA GLN A 270 -4.57 -16.91 -13.17
C GLN A 270 -3.12 -17.08 -12.74
N ARG A 271 -2.57 -18.25 -13.05
CA ARG A 271 -1.20 -18.59 -12.69
C ARG A 271 -0.25 -18.26 -13.83
N VAL A 272 0.91 -17.71 -13.49
CA VAL A 272 1.89 -17.26 -14.48
C VAL A 272 3.26 -17.70 -14.00
N SER A 273 4.01 -18.35 -14.88
CA SER A 273 5.31 -18.89 -14.51
C SER A 273 6.44 -17.93 -14.88
N LYS A 274 7.53 -18.03 -14.13
CA LYS A 274 8.71 -17.25 -14.44
C LYS A 274 9.55 -17.87 -15.54
N THR A 275 9.02 -18.85 -16.25
CA THR A 275 9.69 -19.41 -17.40
C THR A 275 8.87 -19.17 -18.67
N LEU A 276 9.47 -18.43 -19.60
CA LEU A 276 8.79 -18.08 -20.85
C LEU A 276 8.45 -19.32 -21.66
N ASP A 277 9.24 -20.38 -21.52
CA ASP A 277 8.94 -21.66 -22.19
C ASP A 277 8.14 -22.57 -21.26
N GLN A 278 7.36 -21.93 -20.40
CA GLN A 278 6.40 -22.64 -19.57
C GLN A 278 5.07 -21.93 -19.62
N ASN A 279 5.08 -20.63 -19.91
CA ASN A 279 3.83 -19.93 -20.11
C ASN A 279 3.31 -20.13 -21.52
N ASN A 280 1.98 -20.04 -21.66
CA ASN A 280 1.34 -20.29 -22.95
C ASN A 280 1.70 -19.23 -23.96
N ASN A 281 1.76 -19.62 -25.23
CA ASN A 281 2.14 -18.71 -26.31
C ASN A 281 0.91 -17.92 -26.76
N SER A 282 0.61 -16.87 -25.99
CA SER A 282 -0.53 -16.00 -26.23
C SER A 282 -0.43 -14.82 -25.28
N ASN A 283 -1.14 -13.76 -25.61
CA ASN A 283 -1.24 -12.58 -24.77
C ASN A 283 -2.54 -12.66 -24.00
N PHE A 284 -2.46 -12.90 -22.70
CA PHE A 284 -3.65 -13.03 -21.85
C PHE A 284 -3.51 -12.22 -20.57
N ALA A 285 -2.77 -11.12 -20.63
CA ALA A 285 -2.63 -10.25 -19.48
C ALA A 285 -3.88 -9.42 -19.22
N TRP A 286 -4.81 -9.38 -20.14
CA TRP A 286 -6.03 -8.64 -19.92
C TRP A 286 -7.28 -9.45 -20.19
N THR A 287 -7.27 -10.31 -21.21
CA THR A 287 -8.47 -11.07 -21.54
C THR A 287 -8.74 -12.15 -20.52
N GLY A 288 -7.69 -12.78 -20.00
CA GLY A 288 -7.87 -13.81 -19.01
C GLY A 288 -7.52 -13.38 -17.59
N ALA A 289 -7.92 -12.17 -17.21
CA ALA A 289 -7.60 -11.63 -15.91
C ALA A 289 -8.81 -11.69 -14.98
N THR A 290 -8.61 -11.22 -13.75
CA THR A 290 -9.65 -11.21 -12.73
C THR A 290 -10.12 -9.77 -12.53
N LYS A 291 -11.39 -9.51 -12.79
CA LYS A 291 -11.92 -8.16 -12.82
C LYS A 291 -13.13 -8.03 -11.90
N TYR A 292 -13.54 -6.79 -11.68
CA TYR A 292 -14.84 -6.50 -11.13
C TYR A 292 -15.54 -5.51 -12.05
N HIS A 293 -16.84 -5.35 -11.86
CA HIS A 293 -17.70 -4.62 -12.78
C HIS A 293 -18.51 -3.59 -12.01
N LEU A 294 -18.39 -2.31 -12.38
CA LEU A 294 -19.04 -1.23 -11.65
C LEU A 294 -19.46 -0.14 -12.61
N ASN A 295 -20.78 0.02 -12.79
CA ASN A 295 -21.35 1.09 -13.60
C ASN A 295 -20.89 1.00 -15.06
N GLY A 296 -20.89 -0.22 -15.60
CA GLY A 296 -20.56 -0.44 -16.98
C GLY A 296 -19.08 -0.45 -17.31
N ARG A 297 -18.21 -0.33 -16.31
CA ARG A 297 -16.77 -0.34 -16.52
C ARG A 297 -16.16 -1.57 -15.86
N ASN A 298 -15.01 -1.99 -16.38
CA ASN A 298 -14.25 -3.09 -15.80
C ASN A 298 -12.95 -2.56 -15.25
N SER A 299 -12.42 -3.24 -14.24
CA SER A 299 -11.24 -2.79 -13.55
C SER A 299 -10.53 -4.00 -12.98
N LEU A 300 -9.22 -4.06 -13.17
CA LEU A 300 -8.41 -5.20 -12.72
C LEU A 300 -8.48 -5.32 -11.21
N VAL A 301 -8.61 -6.56 -10.72
CA VAL A 301 -8.56 -6.84 -9.30
C VAL A 301 -7.09 -6.88 -8.89
N ASN A 302 -6.60 -5.78 -8.35
CA ASN A 302 -5.17 -5.58 -8.15
C ASN A 302 -4.92 -4.82 -6.85
N PRO A 303 -4.36 -5.47 -5.82
CA PRO A 303 -4.00 -6.88 -5.73
C PRO A 303 -5.12 -7.79 -5.22
N GLY A 304 -6.05 -7.24 -4.46
CA GLY A 304 -7.21 -8.01 -4.05
C GLY A 304 -7.03 -8.72 -2.73
N VAL A 305 -7.95 -9.68 -2.49
CA VAL A 305 -7.96 -10.44 -1.25
C VAL A 305 -6.61 -11.11 -1.03
N ALA A 306 -6.17 -11.09 0.23
CA ALA A 306 -4.86 -11.62 0.60
C ALA A 306 -4.88 -13.14 0.52
N MET A 307 -4.11 -13.70 -0.41
CA MET A 307 -3.97 -15.13 -0.58
C MET A 307 -2.51 -15.48 -0.73
N ALA A 308 -2.19 -16.75 -0.55
CA ALA A 308 -0.81 -17.20 -0.65
C ALA A 308 -0.37 -17.22 -2.10
N THR A 309 0.91 -16.89 -2.33
CA THR A 309 1.41 -16.73 -3.69
C THR A 309 1.49 -18.08 -4.40
N HIS A 310 2.14 -19.06 -3.79
CA HIS A 310 2.33 -20.37 -4.39
C HIS A 310 2.31 -21.42 -3.30
N LYS A 311 2.26 -22.68 -3.71
CA LYS A 311 2.27 -23.79 -2.77
C LYS A 311 3.71 -24.29 -2.57
N ASP A 312 3.86 -25.44 -1.94
CA ASP A 312 5.18 -26.01 -1.74
C ASP A 312 5.84 -26.33 -3.08
N ASP A 313 7.15 -26.09 -3.16
CA ASP A 313 7.98 -26.50 -4.28
C ASP A 313 7.60 -25.83 -5.59
N GLU A 314 6.85 -24.74 -5.53
CA GLU A 314 6.34 -24.09 -6.74
C GLU A 314 6.64 -22.59 -6.71
N ASP A 315 7.82 -22.21 -6.24
CA ASP A 315 8.12 -20.79 -6.05
C ASP A 315 8.25 -20.02 -7.36
N ARG A 316 8.36 -20.70 -8.50
CA ARG A 316 8.51 -20.03 -9.78
C ARG A 316 7.19 -19.54 -10.36
N PHE A 317 6.08 -19.78 -9.68
CA PHE A 317 4.76 -19.33 -10.12
C PHE A 317 4.31 -18.12 -9.33
N PHE A 318 3.38 -17.37 -9.90
CA PHE A 318 2.77 -16.24 -9.21
C PHE A 318 1.47 -15.88 -9.89
N PRO A 319 0.52 -15.31 -9.16
CA PRO A 319 -0.73 -14.87 -9.80
C PRO A 319 -0.49 -13.71 -10.74
N SER A 320 -1.43 -13.53 -11.67
CA SER A 320 -1.30 -12.44 -12.64
C SER A 320 -1.26 -11.09 -11.95
N SER A 321 -2.24 -10.80 -11.10
CA SER A 321 -2.32 -9.49 -10.44
C SER A 321 -2.60 -9.65 -8.95
N GLY A 322 -1.85 -10.54 -8.29
CA GLY A 322 -2.10 -10.77 -6.89
C GLY A 322 -0.91 -10.58 -5.97
N VAL A 323 0.04 -9.72 -6.36
CA VAL A 323 1.22 -9.43 -5.56
C VAL A 323 1.62 -7.98 -5.79
N LEU A 324 2.43 -7.47 -4.89
CA LEU A 324 3.01 -6.14 -5.06
C LEU A 324 4.33 -6.25 -5.82
N ILE A 325 4.55 -5.33 -6.74
CA ILE A 325 5.72 -5.33 -7.60
C ILE A 325 6.37 -3.95 -7.55
N PHE A 326 7.58 -3.89 -7.02
CA PHE A 326 8.40 -2.70 -7.03
C PHE A 326 9.46 -2.81 -8.13
N GLY A 327 10.10 -1.70 -8.41
CA GLY A 327 11.11 -1.63 -9.47
C GLY A 327 12.51 -1.45 -8.89
N LYS A 328 13.49 -2.06 -9.55
CA LYS A 328 14.87 -1.90 -9.15
C LYS A 328 15.33 -0.47 -9.43
N THR A 329 16.59 -0.20 -9.12
CA THR A 329 17.12 1.16 -9.23
C THR A 329 17.15 1.63 -10.68
N GLY A 330 16.47 2.73 -10.95
CA GLY A 330 16.51 3.33 -12.27
C GLY A 330 15.84 2.51 -13.36
N ALA A 331 14.56 2.27 -13.22
CA ALA A 331 13.79 1.56 -14.23
C ALA A 331 12.79 2.51 -14.89
N THR A 332 12.38 2.18 -16.11
CA THR A 332 11.42 2.97 -16.86
C THR A 332 10.00 2.59 -16.45
N ASN A 333 9.02 3.16 -17.15
CA ASN A 333 7.63 2.81 -16.86
C ASN A 333 7.24 1.53 -17.58
N LYS A 334 7.93 1.20 -18.66
CA LYS A 334 7.70 -0.04 -19.41
C LYS A 334 8.99 -0.86 -19.32
N THR A 335 8.88 -2.06 -18.76
CA THR A 335 10.03 -2.78 -18.23
C THR A 335 9.81 -4.29 -18.40
N THR A 336 10.90 -5.05 -18.36
CA THR A 336 10.88 -6.50 -18.42
C THR A 336 11.09 -7.09 -17.02
N LEU A 337 11.20 -8.41 -16.93
CA LEU A 337 11.09 -9.10 -15.64
C LEU A 337 12.33 -8.97 -14.77
N GLU A 338 13.52 -8.89 -15.36
CA GLU A 338 14.75 -8.83 -14.56
C GLU A 338 15.00 -7.46 -13.96
N ASN A 339 14.03 -6.54 -14.01
CA ASN A 339 14.21 -5.22 -13.45
C ASN A 339 13.07 -4.84 -12.50
N VAL A 340 12.42 -5.84 -11.90
CA VAL A 340 11.33 -5.60 -10.95
C VAL A 340 11.53 -6.50 -9.74
N LEU A 341 10.95 -6.09 -8.62
CA LEU A 341 11.04 -6.82 -7.38
C LEU A 341 9.65 -7.27 -6.94
N MET A 342 9.44 -8.58 -6.85
CA MET A 342 8.15 -9.15 -6.49
C MET A 342 8.18 -9.71 -5.08
N THR A 343 7.05 -9.55 -4.39
CA THR A 343 6.92 -10.01 -3.01
C THR A 343 6.39 -11.44 -2.98
N ASN A 344 6.34 -12.00 -1.77
CA ASN A 344 5.90 -13.37 -1.55
C ASN A 344 5.03 -13.39 -0.30
N GLU A 345 3.76 -13.73 -0.45
CA GLU A 345 2.85 -13.88 0.68
C GLU A 345 2.65 -15.34 1.05
N GLU A 346 3.68 -16.17 0.88
CA GLU A 346 3.54 -17.59 1.16
C GLU A 346 3.69 -17.94 2.64
N GLU A 347 3.81 -16.95 3.52
CA GLU A 347 3.86 -17.26 4.94
C GLU A 347 2.47 -17.35 5.55
N ILE A 348 1.42 -17.11 4.76
CA ILE A 348 0.06 -17.17 5.27
C ILE A 348 -0.62 -18.41 4.73
N ARG A 349 0.17 -19.35 4.21
CA ARG A 349 -0.30 -20.66 3.75
C ARG A 349 -1.00 -21.47 4.84
N PRO A 350 -0.62 -21.35 6.12
CA PRO A 350 -1.37 -22.06 7.16
C PRO A 350 -2.85 -21.71 7.27
N THR A 351 -3.28 -20.52 6.87
CA THR A 351 -4.69 -20.17 7.06
C THR A 351 -5.36 -19.72 5.78
N ASN A 352 -4.65 -19.03 4.91
CA ASN A 352 -5.29 -18.48 3.73
C ASN A 352 -5.09 -19.41 2.54
N PRO A 353 -6.11 -19.56 1.69
CA PRO A 353 -5.98 -20.42 0.51
C PRO A 353 -4.97 -19.85 -0.48
N VAL A 354 -4.42 -20.74 -1.28
CA VAL A 354 -3.51 -20.35 -2.35
C VAL A 354 -4.31 -19.59 -3.41
N ALA A 355 -3.67 -18.58 -4.01
CA ALA A 355 -4.40 -17.68 -4.90
C ALA A 355 -4.80 -18.35 -6.21
N THR A 356 -3.95 -19.21 -6.75
CA THR A 356 -4.16 -19.78 -8.07
C THR A 356 -4.87 -21.13 -8.04
N GLU A 357 -5.36 -21.57 -6.90
CA GLU A 357 -6.09 -22.82 -6.79
C GLU A 357 -7.52 -22.54 -6.38
N GLU A 358 -8.36 -23.58 -6.43
CA GLU A 358 -9.76 -23.41 -6.07
C GLU A 358 -9.94 -23.53 -4.56
N TYR A 359 -11.10 -23.10 -4.09
CA TYR A 359 -11.39 -23.21 -2.67
C TYR A 359 -11.68 -24.66 -2.28
N GLY A 360 -12.72 -25.24 -2.85
CA GLY A 360 -13.08 -26.60 -2.51
C GLY A 360 -14.04 -27.21 -3.50
N ILE A 361 -14.78 -28.20 -3.04
CA ILE A 361 -15.74 -28.93 -3.86
C ILE A 361 -17.05 -29.04 -3.10
N VAL A 362 -18.17 -28.79 -3.80
CA VAL A 362 -19.51 -29.01 -3.25
C VAL A 362 -20.27 -29.94 -4.17
N SER A 363 -21.45 -30.36 -3.70
CA SER A 363 -22.29 -31.25 -4.49
C SER A 363 -23.21 -30.45 -5.40
N SER A 364 -23.69 -31.10 -6.45
CA SER A 364 -24.57 -30.45 -7.41
C SER A 364 -25.92 -31.12 -7.56
N ASN A 365 -26.11 -32.33 -7.06
CA ASN A 365 -27.34 -33.06 -7.32
C ASN A 365 -27.64 -33.96 -6.12
N LEU A 366 -28.63 -34.84 -6.29
CA LEU A 366 -29.05 -35.80 -5.26
C LEU A 366 -28.96 -37.20 -5.86
N GLN A 367 -28.00 -37.99 -5.38
CA GLN A 367 -27.77 -39.32 -5.93
C GLN A 367 -28.92 -40.26 -5.58
N ALA A 368 -29.03 -41.33 -6.35
CA ALA A 368 -30.09 -42.31 -6.16
C ALA A 368 -29.54 -43.69 -6.51
N ALA A 369 -30.44 -44.66 -6.61
CA ALA A 369 -30.04 -46.02 -6.97
C ALA A 369 -29.48 -46.10 -8.38
N ASN A 370 -29.87 -45.18 -9.26
CA ASN A 370 -29.46 -45.21 -10.66
C ASN A 370 -28.92 -43.86 -11.13
N THR A 371 -28.34 -43.07 -10.23
CA THR A 371 -27.78 -41.78 -10.57
C THR A 371 -26.46 -41.59 -9.82
N ALA A 372 -25.38 -41.40 -10.57
CA ALA A 372 -24.10 -41.16 -9.94
C ALA A 372 -24.06 -39.77 -9.33
N ALA A 373 -23.19 -39.60 -8.33
CA ALA A 373 -23.05 -38.32 -7.67
C ALA A 373 -22.23 -37.36 -8.53
N GLN A 374 -22.46 -36.07 -8.33
CA GLN A 374 -21.81 -35.03 -9.10
C GLN A 374 -21.30 -33.93 -8.17
N THR A 375 -20.25 -33.24 -8.63
CA THR A 375 -19.63 -32.18 -7.85
C THR A 375 -19.48 -30.94 -8.71
N GLN A 376 -19.02 -29.87 -8.08
CA GLN A 376 -18.84 -28.57 -8.72
C GLN A 376 -17.74 -27.82 -8.00
N VAL A 377 -16.83 -27.22 -8.76
CA VAL A 377 -15.64 -26.59 -8.21
C VAL A 377 -15.96 -25.15 -7.81
N VAL A 378 -15.52 -24.76 -6.63
CA VAL A 378 -15.82 -23.46 -6.05
C VAL A 378 -14.61 -22.56 -6.27
N ASN A 379 -14.70 -21.64 -7.23
CA ASN A 379 -13.60 -20.74 -7.55
C ASN A 379 -13.71 -19.39 -6.87
N ASN A 380 -14.77 -19.15 -6.09
CA ASN A 380 -14.93 -17.92 -5.35
C ASN A 380 -15.81 -18.20 -4.14
N GLN A 381 -15.54 -17.51 -3.04
CA GLN A 381 -16.25 -17.79 -1.80
C GLN A 381 -16.13 -16.60 -0.87
N GLY A 382 -17.27 -16.14 -0.35
CA GLY A 382 -17.30 -15.12 0.66
C GLY A 382 -17.26 -15.70 2.06
N ALA A 383 -17.60 -14.86 3.03
CA ALA A 383 -17.43 -15.22 4.44
C ALA A 383 -18.42 -16.29 4.87
N LEU A 384 -17.92 -17.30 5.59
CA LEU A 384 -18.75 -18.30 6.20
C LEU A 384 -18.48 -18.35 7.70
N PRO A 385 -19.49 -18.60 8.52
CA PRO A 385 -19.25 -18.75 9.97
C PRO A 385 -18.24 -19.86 10.25
N GLY A 386 -17.15 -19.49 10.92
CA GLY A 386 -16.06 -20.39 11.19
C GLY A 386 -14.74 -20.03 10.54
N MET A 387 -14.72 -19.04 9.66
CA MET A 387 -13.52 -18.71 8.90
C MET A 387 -12.51 -17.92 9.73
N VAL A 388 -11.23 -18.17 9.48
CA VAL A 388 -10.13 -17.41 10.05
C VAL A 388 -9.12 -17.15 8.94
N TRP A 389 -8.44 -16.01 9.01
CA TRP A 389 -7.54 -15.62 7.93
C TRP A 389 -6.58 -14.56 8.44
N GLN A 390 -5.49 -14.39 7.71
CA GLN A 390 -4.51 -13.34 7.96
C GLN A 390 -4.67 -12.21 6.96
N ASN A 391 -4.00 -11.10 7.24
CA ASN A 391 -3.94 -9.97 6.35
C ASN A 391 -2.63 -9.97 5.57
N ARG A 392 -2.54 -9.06 4.61
CA ARG A 392 -1.33 -8.90 3.83
C ARG A 392 -0.26 -8.19 4.66
N ASP A 393 1.00 -8.52 4.37
CA ASP A 393 2.13 -7.97 5.10
C ASP A 393 2.40 -6.51 4.70
N VAL A 394 3.25 -5.86 5.47
CA VAL A 394 3.74 -4.53 5.14
C VAL A 394 5.23 -4.63 4.84
N TYR A 395 5.71 -3.69 4.03
CA TYR A 395 7.09 -3.70 3.57
C TYR A 395 7.72 -2.36 3.87
N LEU A 396 9.05 -2.38 3.99
CA LEU A 396 9.79 -1.14 4.23
C LEU A 396 9.51 -0.10 3.17
N GLN A 397 9.24 -0.52 1.94
CA GLN A 397 8.96 0.41 0.86
C GLN A 397 7.49 0.38 0.43
N GLY A 398 6.58 0.11 1.35
CA GLY A 398 5.16 0.12 1.05
C GLY A 398 4.39 1.19 1.81
N PRO A 399 3.08 1.24 1.60
CA PRO A 399 2.24 2.23 2.29
C PRO A 399 1.99 1.88 3.75
N ILE A 400 1.59 2.90 4.51
CA ILE A 400 1.37 2.79 5.95
C ILE A 400 -0.12 2.75 6.29
N TRP A 401 -0.91 3.62 5.69
CA TRP A 401 -2.31 3.75 6.05
C TRP A 401 -3.16 4.04 4.83
N ALA A 402 -4.47 3.91 4.98
CA ALA A 402 -5.45 4.34 4.00
C ALA A 402 -6.67 4.87 4.72
N LYS A 403 -7.39 5.77 4.05
CA LYS A 403 -8.65 6.30 4.58
C LYS A 403 -9.80 5.36 4.23
N ILE A 404 -10.54 4.95 5.24
CA ILE A 404 -11.71 4.10 5.00
C ILE A 404 -12.82 4.94 4.38
N PRO A 405 -13.44 4.51 3.29
CA PRO A 405 -14.51 5.32 2.69
C PRO A 405 -15.71 5.44 3.62
N HIS A 406 -16.25 6.64 3.69
CA HIS A 406 -17.43 6.93 4.50
C HIS A 406 -18.66 6.35 3.82
N THR A 407 -19.09 5.18 4.26
CA THR A 407 -20.26 4.53 3.68
C THR A 407 -21.18 4.02 4.78
N ASP A 408 -22.21 3.27 4.41
CA ASP A 408 -23.11 2.70 5.39
C ASP A 408 -22.59 1.39 5.96
N GLY A 409 -21.88 0.61 5.16
CA GLY A 409 -21.38 -0.66 5.62
C GLY A 409 -20.05 -1.00 4.98
N ASN A 410 -19.21 -1.65 5.76
CA ASN A 410 -17.96 -2.23 5.26
C ASN A 410 -17.83 -3.60 5.90
N PHE A 411 -16.78 -4.33 5.52
CA PHE A 411 -16.51 -5.64 6.09
C PHE A 411 -15.00 -5.78 6.22
N HIS A 412 -14.53 -5.92 7.46
CA HIS A 412 -13.11 -6.03 7.79
C HIS A 412 -12.28 -4.99 7.06
N PRO A 413 -12.37 -3.73 7.45
CA PRO A 413 -11.81 -2.64 6.64
C PRO A 413 -10.29 -2.51 6.75
N SER A 414 -9.61 -3.57 6.44
CA SER A 414 -8.17 -3.48 6.24
C SER A 414 -7.90 -3.17 4.78
N PRO A 415 -7.09 -2.16 4.47
CA PRO A 415 -6.86 -1.82 3.06
C PRO A 415 -6.13 -2.95 2.36
N LEU A 416 -6.51 -3.21 1.11
CA LEU A 416 -6.05 -4.42 0.45
C LEU A 416 -4.58 -4.36 0.04
N MET A 417 -3.98 -3.17 -0.02
CA MET A 417 -2.55 -3.08 -0.25
C MET A 417 -1.73 -3.26 1.01
N GLY A 418 -2.36 -3.23 2.18
CA GLY A 418 -1.63 -3.41 3.43
C GLY A 418 -1.48 -2.12 4.20
N GLY A 419 -1.56 -2.19 5.52
CA GLY A 419 -1.44 -1.01 6.34
C GLY A 419 -2.58 -0.91 7.31
N PHE A 420 -2.77 0.28 7.86
CA PHE A 420 -3.76 0.55 8.89
C PHE A 420 -4.90 1.34 8.29
N GLY A 421 -6.12 0.82 8.42
CA GLY A 421 -7.28 1.49 7.90
C GLY A 421 -7.88 2.43 8.92
N LEU A 422 -8.04 3.70 8.56
CA LEU A 422 -8.41 4.74 9.50
C LEU A 422 -9.59 5.53 8.98
N LYS A 423 -10.57 5.76 9.85
CA LYS A 423 -11.68 6.65 9.49
C LYS A 423 -11.26 8.10 9.55
N HIS A 424 -10.30 8.44 10.40
CA HIS A 424 -9.79 9.80 10.53
C HIS A 424 -8.28 9.75 10.41
N PRO A 425 -7.75 9.72 9.20
CA PRO A 425 -6.31 9.55 9.00
C PRO A 425 -5.57 10.87 9.17
N PRO A 426 -4.24 10.86 9.09
CA PRO A 426 -3.49 12.11 9.05
C PRO A 426 -3.93 12.98 7.90
N PRO A 427 -4.24 14.25 8.16
CA PRO A 427 -4.82 15.11 7.13
C PRO A 427 -3.78 15.58 6.11
N GLN A 428 -4.29 15.96 4.95
CA GLN A 428 -3.45 16.47 3.87
C GLN A 428 -2.98 17.88 4.15
N ILE A 429 -1.71 18.12 3.87
CA ILE A 429 -1.09 19.43 4.01
C ILE A 429 -0.84 19.97 2.61
N LEU A 430 -1.43 21.11 2.29
CA LEU A 430 -1.34 21.71 0.97
C LEU A 430 -0.55 23.01 1.02
N ILE A 431 0.26 23.25 0.00
CA ILE A 431 1.20 24.36 -0.02
C ILE A 431 1.25 24.97 -1.41
N LYS A 432 1.36 26.30 -1.48
CA LYS A 432 1.34 27.01 -2.73
C LYS A 432 2.16 28.28 -2.63
N ASN A 433 2.65 28.76 -3.78
CA ASN A 433 3.30 30.06 -3.89
C ASN A 433 2.25 31.14 -4.14
N THR A 434 2.34 32.23 -3.41
CA THR A 434 1.38 33.32 -3.55
C THR A 434 1.72 34.15 -4.80
N PRO A 435 0.76 34.41 -5.67
CA PRO A 435 1.08 35.05 -6.96
C PRO A 435 1.57 36.48 -6.78
N VAL A 436 2.58 36.83 -7.56
CA VAL A 436 3.13 38.18 -7.57
C VAL A 436 2.93 38.76 -8.97
N PRO A 437 2.00 39.67 -9.15
CA PRO A 437 1.76 40.21 -10.49
C PRO A 437 2.89 41.12 -10.96
N ALA A 438 3.13 41.09 -12.26
CA ALA A 438 4.08 42.00 -12.90
C ALA A 438 3.45 43.39 -13.00
N ASN A 439 4.11 44.30 -13.70
CA ASN A 439 3.62 45.67 -13.77
C ASN A 439 2.34 45.72 -14.61
N PRO A 440 1.26 46.30 -14.07
CA PRO A 440 0.04 46.45 -14.85
C PRO A 440 0.11 47.67 -15.74
N PRO A 441 -0.81 47.82 -16.68
CA PRO A 441 -0.84 49.04 -17.49
C PRO A 441 -1.16 50.26 -16.64
N GLU A 442 -0.95 51.43 -17.23
CA GLU A 442 -1.20 52.67 -16.53
C GLU A 442 -2.57 53.26 -16.83
N VAL A 443 -3.39 52.57 -17.62
CA VAL A 443 -4.80 52.89 -17.80
C VAL A 443 -5.61 51.68 -17.41
N PHE A 444 -6.73 51.90 -16.71
CA PHE A 444 -7.48 50.80 -16.15
C PHE A 444 -8.10 49.91 -17.23
N THR A 445 -7.93 48.60 -17.08
CA THR A 445 -8.56 47.62 -17.95
C THR A 445 -9.26 46.59 -17.07
N PRO A 446 -10.51 46.23 -17.37
CA PRO A 446 -11.17 45.16 -16.62
C PRO A 446 -10.72 43.77 -17.02
N ALA A 447 -9.92 43.63 -18.07
CA ALA A 447 -9.50 42.33 -18.55
C ALA A 447 -8.74 41.57 -17.47
N LYS A 448 -8.81 40.25 -17.55
CA LYS A 448 -8.26 39.41 -16.50
C LYS A 448 -6.74 39.47 -16.47
N PHE A 449 -6.19 39.66 -15.28
CA PHE A 449 -4.75 39.81 -15.10
C PHE A 449 -4.04 38.50 -15.43
N ALA A 450 -2.96 38.59 -16.20
CA ALA A 450 -2.26 37.38 -16.63
C ALA A 450 -0.74 37.50 -16.68
N SER A 451 -0.16 38.61 -16.25
CA SER A 451 1.30 38.79 -16.27
C SER A 451 1.84 38.61 -14.86
N PHE A 452 2.71 37.62 -14.69
CA PHE A 452 3.24 37.27 -13.39
C PHE A 452 4.74 37.14 -13.44
N ILE A 453 5.35 37.19 -12.26
CA ILE A 453 6.78 37.00 -12.07
C ILE A 453 7.02 35.53 -11.75
N THR A 454 8.02 34.93 -12.38
CA THR A 454 8.28 33.51 -12.16
C THR A 454 8.97 33.30 -10.82
N GLN A 455 8.44 32.39 -10.02
CA GLN A 455 8.93 32.16 -8.67
C GLN A 455 8.94 30.67 -8.35
N TYR A 456 9.80 30.30 -7.41
CA TYR A 456 9.76 28.98 -6.79
C TYR A 456 10.27 29.15 -5.37
N SER A 457 10.08 28.14 -4.53
CA SER A 457 10.47 28.24 -3.14
C SER A 457 11.11 26.94 -2.67
N THR A 458 11.90 27.04 -1.61
CA THR A 458 12.61 25.90 -1.05
C THR A 458 12.63 26.02 0.46
N GLY A 459 12.75 24.88 1.14
CA GLY A 459 12.81 24.91 2.58
C GLY A 459 13.04 23.53 3.15
N GLN A 460 12.83 23.43 4.46
CA GLN A 460 13.04 22.21 5.23
C GLN A 460 11.72 21.72 5.79
N VAL A 461 11.55 20.40 5.90
CA VAL A 461 10.37 19.80 6.50
C VAL A 461 10.82 18.70 7.46
N SER A 462 10.08 18.54 8.56
CA SER A 462 10.35 17.49 9.52
C SER A 462 9.04 16.87 9.99
N VAL A 463 9.10 15.59 10.35
CA VAL A 463 7.93 14.84 10.79
C VAL A 463 8.38 13.77 11.77
N GLU A 464 7.58 13.54 12.80
CA GLU A 464 7.96 12.70 13.93
C GLU A 464 6.78 11.85 14.36
N ILE A 465 7.01 10.56 14.55
CA ILE A 465 5.95 9.61 14.91
C ILE A 465 6.41 8.77 16.09
N GLU A 466 5.48 8.46 16.99
CA GLU A 466 5.73 7.57 18.10
C GLU A 466 4.90 6.29 17.90
N TRP A 467 5.57 5.14 18.01
CA TRP A 467 4.96 3.84 17.74
C TRP A 467 4.91 3.01 19.01
N GLU A 468 3.88 2.18 19.15
CA GLU A 468 3.74 1.27 20.27
C GLU A 468 4.14 -0.15 19.86
N LEU A 469 5.03 -0.76 20.64
CA LEU A 469 5.54 -2.09 20.36
C LEU A 469 4.84 -3.15 21.18
N GLN A 470 4.62 -4.30 20.57
CA GLN A 470 4.13 -5.49 21.26
C GLN A 470 5.25 -6.53 21.24
N LYS A 471 5.74 -6.89 22.41
CA LYS A 471 6.90 -7.77 22.53
C LYS A 471 6.48 -9.23 22.49
N GLU A 472 7.41 -10.08 22.07
CA GLU A 472 7.14 -11.51 21.95
C GLU A 472 7.44 -12.24 23.26
N ASN A 473 6.69 -13.31 23.50
CA ASN A 473 6.68 -14.02 24.76
C ASN A 473 6.71 -15.52 24.54
N SER A 474 7.64 -15.99 23.70
CA SER A 474 7.62 -17.35 23.19
C SER A 474 8.46 -18.30 24.03
N LYS A 475 8.02 -19.56 24.08
CA LYS A 475 8.75 -20.64 24.74
C LYS A 475 9.31 -21.64 23.74
N ARG A 476 9.53 -21.24 22.49
CA ARG A 476 10.23 -22.07 21.53
C ARG A 476 11.64 -22.39 22.02
N TRP A 477 12.04 -23.65 21.88
CA TRP A 477 13.35 -24.08 22.37
C TRP A 477 14.47 -23.83 21.36
N ASN A 478 14.23 -24.06 20.08
CA ASN A 478 15.23 -23.93 19.03
C ASN A 478 15.20 -22.52 18.43
N PRO A 479 16.25 -22.13 17.71
CA PRO A 479 16.33 -20.76 17.20
C PRO A 479 15.40 -20.47 16.03
N GLU A 480 15.15 -19.18 15.84
CA GLU A 480 14.17 -18.66 14.90
C GLU A 480 14.84 -18.16 13.62
N ILE A 481 14.01 -17.90 12.62
CA ILE A 481 14.47 -17.27 11.38
C ILE A 481 14.57 -15.78 11.61
N GLN A 482 15.68 -15.19 11.18
CA GLN A 482 15.92 -13.76 11.33
C GLN A 482 16.37 -13.17 10.01
N TYR A 483 15.96 -11.94 9.76
CA TYR A 483 16.51 -11.22 8.62
C TYR A 483 17.97 -10.89 8.90
N THR A 484 18.83 -11.15 7.91
CA THR A 484 20.26 -10.97 8.09
C THR A 484 20.87 -10.42 6.81
N SER A 485 22.06 -9.85 6.96
CA SER A 485 22.82 -9.30 5.86
C SER A 485 23.66 -10.39 5.19
N ASN A 486 24.22 -10.06 4.04
CA ASN A 486 25.12 -10.99 3.37
C ASN A 486 26.42 -11.12 4.15
N PHE A 487 27.11 -12.23 3.94
CA PHE A 487 28.37 -12.48 4.62
C PHE A 487 29.59 -12.45 3.72
N GLU A 488 29.42 -12.78 2.44
CA GLU A 488 30.53 -12.89 1.51
C GLU A 488 30.81 -11.54 0.83
N LYS A 489 31.94 -11.49 0.13
CA LYS A 489 32.37 -10.26 -0.51
C LYS A 489 31.54 -9.97 -1.75
N GLN A 490 31.22 -8.70 -1.95
CA GLN A 490 30.55 -8.19 -3.14
C GLN A 490 31.28 -6.95 -3.62
N THR A 491 30.75 -6.34 -4.68
CA THR A 491 31.34 -5.10 -5.16
C THR A 491 30.85 -3.90 -4.37
N GLY A 492 29.60 -3.93 -3.89
CA GLY A 492 29.06 -2.84 -3.11
C GLY A 492 28.30 -3.37 -1.90
N VAL A 493 27.94 -2.44 -1.04
CA VAL A 493 27.14 -2.72 0.14
C VAL A 493 25.67 -2.58 -0.23
N ASP A 494 24.84 -3.50 0.25
CA ASP A 494 23.40 -3.34 0.10
C ASP A 494 22.91 -2.19 0.99
N PHE A 495 21.99 -1.40 0.45
CA PHE A 495 21.45 -0.21 1.10
C PHE A 495 22.55 0.81 1.36
N ALA A 496 23.18 1.26 0.28
CA ALA A 496 24.21 2.28 0.32
C ALA A 496 24.30 2.92 -1.06
N VAL A 497 25.36 3.68 -1.31
CA VAL A 497 25.53 4.37 -2.57
C VAL A 497 26.61 3.69 -3.38
N ASP A 498 26.57 3.91 -4.70
CA ASP A 498 27.62 3.39 -5.57
C ASP A 498 28.62 4.49 -5.87
N SER A 499 29.53 4.22 -6.82
CA SER A 499 30.60 5.17 -7.10
C SER A 499 30.10 6.47 -7.68
N GLN A 500 28.87 6.51 -8.17
CA GLN A 500 28.29 7.70 -8.79
C GLN A 500 27.42 8.51 -7.83
N GLY A 501 27.09 7.97 -6.66
CA GLY A 501 26.29 8.70 -5.71
C GLY A 501 24.82 8.38 -5.71
N VAL A 502 24.44 7.18 -6.14
CA VAL A 502 23.04 6.79 -6.27
C VAL A 502 22.71 5.80 -5.16
N TYR A 503 21.66 6.10 -4.41
CA TYR A 503 21.13 5.18 -3.41
C TYR A 503 20.20 4.16 -4.05
N SER A 504 20.19 2.96 -3.51
CA SER A 504 19.39 1.88 -4.07
C SER A 504 19.02 0.89 -2.98
N GLU A 505 17.89 0.22 -3.18
CA GLU A 505 17.42 -0.82 -2.27
C GLU A 505 17.36 -2.14 -3.01
N PRO A 506 18.15 -3.14 -2.61
CA PRO A 506 18.22 -4.38 -3.41
C PRO A 506 16.94 -5.17 -3.46
N ARG A 507 16.38 -5.50 -2.30
CA ARG A 507 15.28 -6.43 -2.20
C ARG A 507 14.15 -5.82 -1.40
N PRO A 508 12.97 -6.44 -1.35
CA PRO A 508 11.94 -6.02 -0.40
C PRO A 508 12.06 -6.76 0.92
N ILE A 509 11.75 -6.05 2.00
CA ILE A 509 11.85 -6.60 3.35
C ILE A 509 10.47 -6.53 4.01
N GLY A 510 9.95 -7.70 4.39
CA GLY A 510 8.69 -7.79 5.10
C GLY A 510 8.88 -7.71 6.60
N THR A 511 7.90 -8.25 7.33
CA THR A 511 7.93 -8.21 8.79
C THR A 511 7.77 -9.55 9.47
N ARG A 512 7.29 -10.58 8.79
CA ARG A 512 6.91 -11.83 9.44
C ARG A 512 8.12 -12.76 9.50
N TYR A 513 8.90 -12.65 10.58
CA TYR A 513 10.05 -13.52 10.79
C TYR A 513 9.90 -14.39 12.03
N LEU A 514 9.56 -13.82 13.18
CA LEU A 514 9.25 -14.61 14.36
C LEU A 514 8.00 -15.43 14.12
N THR A 515 7.82 -16.47 14.94
CA THR A 515 6.70 -17.37 14.79
C THR A 515 5.79 -17.32 16.03
N ARG A 516 4.70 -18.07 15.95
CA ARG A 516 3.62 -18.03 16.94
C ARG A 516 2.70 -19.22 16.69
N ASN A 517 2.23 -19.83 17.78
CA ASN A 517 1.33 -21.01 17.69
C ASN A 517 -0.09 -20.53 17.37
N LEU A 518 -0.62 -20.92 16.21
CA LEU A 518 -1.99 -20.53 15.78
C LEU A 518 -3.00 -20.98 16.84
#